data_1K3R
#
_entry.id   1K3R
#
_cell.length_a   101.307
_cell.length_b   51.353
_cell.length_c   109.250
_cell.angle_alpha   90.00
_cell.angle_beta   94.69
_cell.angle_gamma   90.00
#
_symmetry.space_group_name_H-M   'C 1 2 1'
#
loop_
_entity.id
_entity.type
_entity.pdbx_description
1 polymer 'conserved protein MT0001'
2 water water
#
_entity_poly.entity_id   1
_entity_poly.type   'polypeptide(L)'
_entity_poly.pdbx_seq_one_letter_code
;MNRVDLSLFIPDSLTAETGDLKIKTYKVVLIARAASIFGVKRIVIYHDDADGEARFIRDILTYMDTPQYLRRKVFPIMRE
LKHVGILPPLRTPHHPTGKPVTGEYRQGLTVKRVKKGTLVDIGADKLALCREKLTVNRIMSFRVVRLGKEILIEPDEPED
RYWGYEVLDTRRNLAESLKTVGADVVVATSRNASPITSILDEVKTRMRGAREAAILFGGPYKGLPEIDADIWVNTLPGQC
TETVRTEEAVLATLSVFNMLTQIDEKDE
;
_entity_poly.pdbx_strand_id   A,B
#
# COMPACT_ATOMS: atom_id res chain seq x y z
N MET A 1 -1.46 13.03 -13.56
CA MET A 1 -2.75 13.43 -12.92
C MET A 1 -2.78 14.93 -12.59
N ASN A 2 -3.39 15.71 -13.47
CA ASN A 2 -3.52 17.15 -13.26
C ASN A 2 -4.95 17.57 -13.60
N ARG A 3 -5.66 16.66 -14.28
CA ARG A 3 -7.06 16.89 -14.66
C ARG A 3 -7.79 15.57 -14.70
N VAL A 4 -7.48 14.75 -15.70
CA VAL A 4 -8.11 13.45 -15.92
C VAL A 4 -8.76 12.92 -14.64
N ASP A 5 -10.08 13.04 -14.57
CA ASP A 5 -10.84 12.60 -13.40
C ASP A 5 -10.86 11.09 -13.32
N LEU A 6 -10.35 10.55 -12.22
CA LEU A 6 -10.30 9.10 -12.04
C LEU A 6 -11.39 8.56 -11.15
N SER A 7 -11.97 7.48 -11.58
CA SER A 7 -12.93 6.72 -10.80
C SER A 7 -12.48 5.27 -10.65
N LEU A 8 -12.39 4.79 -9.44
CA LEU A 8 -11.94 3.45 -9.12
C LEU A 8 -13.13 2.55 -8.92
N PHE A 9 -13.07 1.31 -9.41
CA PHE A 9 -14.18 0.40 -9.17
C PHE A 9 -13.65 -0.75 -8.32
N ILE A 10 -14.25 -0.96 -7.15
CA ILE A 10 -13.82 -2.04 -6.29
C ILE A 10 -14.95 -2.97 -5.87
N PRO A 11 -14.68 -4.29 -5.84
CA PRO A 11 -15.63 -5.34 -5.47
C PRO A 11 -15.97 -5.32 -4.00
N ASP A 12 -17.26 -5.43 -3.70
CA ASP A 12 -17.70 -5.43 -2.31
C ASP A 12 -17.19 -6.65 -1.55
N SER A 13 -16.45 -7.50 -2.24
CA SER A 13 -15.91 -8.69 -1.59
C SER A 13 -14.46 -8.50 -1.14
N LEU A 14 -13.96 -7.29 -1.20
CA LEU A 14 -12.55 -7.08 -0.85
C LEU A 14 -12.15 -7.38 0.61
N THR A 15 -13.11 -7.38 1.52
CA THR A 15 -12.80 -7.66 2.92
C THR A 15 -13.26 -9.05 3.36
N ALA A 16 -13.79 -9.83 2.43
CA ALA A 16 -14.32 -11.15 2.75
C ALA A 16 -13.36 -12.12 3.44
N GLU A 17 -12.13 -12.19 2.97
CA GLU A 17 -11.15 -13.11 3.53
C GLU A 17 -10.52 -12.69 4.86
N THR A 18 -10.62 -11.42 5.20
CA THR A 18 -10.03 -10.95 6.46
C THR A 18 -11.03 -11.03 7.61
N GLY A 19 -10.75 -11.93 8.55
CA GLY A 19 -11.63 -12.13 9.68
C GLY A 19 -11.70 -11.05 10.72
N ASP A 20 -10.53 -10.55 11.14
CA ASP A 20 -10.42 -9.51 12.15
C ASP A 20 -11.07 -8.20 11.72
N LEU A 21 -12.00 -7.70 12.53
CA LEU A 21 -12.71 -6.46 12.21
C LEU A 21 -11.78 -5.25 12.24
N LYS A 22 -10.85 -5.21 13.18
CA LYS A 22 -9.96 -4.07 13.21
C LYS A 22 -9.20 -4.07 11.87
N ILE A 23 -8.56 -5.20 11.55
CA ILE A 23 -7.81 -5.31 10.29
C ILE A 23 -8.68 -5.02 9.07
N LYS A 24 -9.93 -5.41 9.14
CA LYS A 24 -10.82 -5.19 8.01
C LYS A 24 -11.13 -3.71 7.83
N THR A 25 -11.27 -2.98 8.92
CA THR A 25 -11.59 -1.60 8.75
C THR A 25 -10.34 -0.88 8.25
N TYR A 26 -9.16 -1.31 8.74
CA TYR A 26 -7.89 -0.72 8.31
C TYR A 26 -7.64 -1.00 6.82
N LYS A 27 -8.06 -2.17 6.37
CA LYS A 27 -7.89 -2.57 4.99
C LYS A 27 -8.56 -1.51 4.12
N VAL A 28 -9.83 -1.26 4.42
CA VAL A 28 -10.63 -0.29 3.68
C VAL A 28 -10.06 1.12 3.78
N VAL A 29 -9.45 1.47 4.91
CA VAL A 29 -8.86 2.80 5.02
C VAL A 29 -7.64 2.96 4.08
N LEU A 30 -6.91 1.88 3.81
CA LEU A 30 -5.78 1.98 2.90
C LEU A 30 -6.33 2.42 1.53
N ILE A 31 -7.54 1.93 1.18
CA ILE A 31 -8.11 2.32 -0.11
C ILE A 31 -8.49 3.78 -0.11
N ALA A 32 -9.01 4.26 1.02
CA ALA A 32 -9.36 5.67 1.12
C ALA A 32 -8.05 6.49 0.94
N ARG A 33 -7.00 6.12 1.66
CA ARG A 33 -5.75 6.84 1.50
C ARG A 33 -5.22 6.74 0.06
N ALA A 34 -5.23 5.57 -0.55
CA ALA A 34 -4.71 5.47 -1.90
C ALA A 34 -5.48 6.37 -2.86
N ALA A 35 -6.80 6.36 -2.74
CA ALA A 35 -7.62 7.18 -3.59
C ALA A 35 -7.29 8.66 -3.36
N SER A 36 -7.16 9.06 -2.09
CA SER A 36 -6.87 10.46 -1.81
C SER A 36 -5.47 10.87 -2.18
N ILE A 37 -4.48 9.99 -2.04
CA ILE A 37 -3.12 10.34 -2.37
C ILE A 37 -3.05 10.73 -3.82
N PHE A 38 -3.71 9.96 -4.67
CA PHE A 38 -3.66 10.24 -6.08
C PHE A 38 -4.85 11.02 -6.65
N GLY A 39 -5.46 11.83 -5.79
CA GLY A 39 -6.58 12.66 -6.20
C GLY A 39 -7.75 12.01 -6.90
N VAL A 40 -8.10 10.78 -6.55
CA VAL A 40 -9.25 10.10 -7.13
C VAL A 40 -10.55 10.85 -6.77
N LYS A 41 -11.38 11.10 -7.79
CA LYS A 41 -12.65 11.82 -7.64
C LYS A 41 -13.82 10.96 -7.15
N ARG A 42 -13.78 9.68 -7.50
CA ARG A 42 -14.85 8.81 -7.09
C ARG A 42 -14.49 7.32 -6.89
N ILE A 43 -15.06 6.71 -5.86
CA ILE A 43 -14.84 5.29 -5.63
C ILE A 43 -16.16 4.54 -5.77
N VAL A 44 -16.19 3.54 -6.65
CA VAL A 44 -17.39 2.75 -6.92
C VAL A 44 -17.36 1.32 -6.38
N ILE A 45 -18.20 1.04 -5.40
CA ILE A 45 -18.28 -0.28 -4.81
C ILE A 45 -19.33 -1.09 -5.62
N TYR A 46 -18.91 -2.18 -6.25
CA TYR A 46 -19.88 -2.95 -7.00
C TYR A 46 -20.09 -4.34 -6.43
N HIS A 47 -21.20 -4.94 -6.83
CA HIS A 47 -21.52 -6.27 -6.35
C HIS A 47 -20.78 -7.36 -7.09
N ASP A 48 -19.96 -8.08 -6.34
CA ASP A 48 -19.17 -9.19 -6.87
C ASP A 48 -20.01 -10.45 -6.72
N ASP A 49 -19.77 -11.44 -7.57
CA ASP A 49 -20.53 -12.69 -7.56
C ASP A 49 -20.94 -13.20 -6.17
N ALA A 50 -19.96 -13.37 -5.29
CA ALA A 50 -20.22 -13.84 -3.93
C ALA A 50 -21.07 -12.85 -3.13
N ASP A 51 -21.08 -13.03 -1.81
CA ASP A 51 -21.83 -12.13 -0.92
C ASP A 51 -20.87 -11.01 -0.59
N GLY A 52 -21.38 -9.82 -0.26
CA GLY A 52 -20.47 -8.72 0.04
C GLY A 52 -20.65 -7.95 1.35
N GLU A 53 -19.80 -6.95 1.52
CA GLU A 53 -19.83 -6.08 2.68
C GLU A 53 -19.82 -4.62 2.23
N ALA A 54 -20.56 -4.35 1.15
CA ALA A 54 -20.66 -3.03 0.57
C ALA A 54 -20.96 -1.99 1.62
N ARG A 55 -21.94 -2.28 2.46
CA ARG A 55 -22.34 -1.35 3.51
C ARG A 55 -21.10 -0.92 4.31
N PHE A 56 -20.44 -1.88 4.94
CA PHE A 56 -19.23 -1.63 5.72
C PHE A 56 -18.16 -0.87 4.91
N ILE A 57 -17.89 -1.35 3.69
CA ILE A 57 -16.88 -0.73 2.83
C ILE A 57 -17.25 0.72 2.55
N ARG A 58 -18.52 0.95 2.20
CA ARG A 58 -18.96 2.30 1.94
C ARG A 58 -18.79 3.16 3.20
N ASP A 59 -19.31 2.64 4.31
CA ASP A 59 -19.26 3.36 5.57
C ASP A 59 -17.84 3.86 5.93
N ILE A 60 -16.87 2.94 5.95
CA ILE A 60 -15.49 3.32 6.26
C ILE A 60 -14.97 4.36 5.29
N LEU A 61 -15.14 4.15 3.99
CA LEU A 61 -14.67 5.09 2.97
C LEU A 61 -15.23 6.50 3.15
N THR A 62 -16.53 6.57 3.42
CA THR A 62 -17.19 7.85 3.59
C THR A 62 -16.74 8.51 4.90
N TYR A 63 -16.61 7.71 5.95
CA TYR A 63 -16.17 8.22 7.24
C TYR A 63 -14.83 8.93 7.03
N MET A 64 -13.96 8.28 6.27
CA MET A 64 -12.64 8.82 6.00
C MET A 64 -12.62 10.08 5.19
N ASP A 65 -13.52 10.16 4.21
CA ASP A 65 -13.56 11.35 3.39
C ASP A 65 -14.24 12.53 4.11
N THR A 66 -15.15 12.22 5.06
CA THR A 66 -15.85 13.23 5.85
C THR A 66 -14.90 13.94 6.85
N PRO A 67 -14.92 15.29 6.89
CA PRO A 67 -14.05 16.04 7.81
C PRO A 67 -14.18 15.52 9.25
N GLN A 68 -13.12 15.64 10.04
CA GLN A 68 -13.18 15.14 11.40
C GLN A 68 -14.33 15.73 12.23
N TYR A 69 -14.54 17.05 12.15
CA TYR A 69 -15.62 17.63 12.95
C TYR A 69 -17.04 17.26 12.60
N LEU A 70 -17.25 16.42 11.58
CA LEU A 70 -18.59 16.03 11.20
C LEU A 70 -18.92 14.54 11.29
N ARG A 71 -17.91 13.70 11.42
CA ARG A 71 -18.19 12.26 11.47
C ARG A 71 -18.98 11.83 12.70
N ARG A 72 -18.74 12.49 13.84
CA ARG A 72 -19.46 12.14 15.05
C ARG A 72 -20.93 12.50 14.92
N LYS A 73 -21.26 13.43 14.02
CA LYS A 73 -22.65 13.83 13.84
C LYS A 73 -23.26 13.06 12.68
N VAL A 74 -22.42 12.61 11.77
CA VAL A 74 -22.87 11.87 10.60
C VAL A 74 -22.80 10.36 10.81
N PHE A 75 -21.97 9.90 11.74
CA PHE A 75 -21.87 8.46 11.93
C PHE A 75 -22.27 8.00 13.32
N PRO A 76 -23.39 7.25 13.41
CA PRO A 76 -23.93 6.71 14.66
C PRO A 76 -22.90 5.85 15.41
N ILE A 77 -21.69 5.80 14.86
CA ILE A 77 -20.57 5.04 15.43
C ILE A 77 -21.00 3.83 16.29
N MET A 78 -21.77 2.92 15.69
CA MET A 78 -22.24 1.72 16.37
C MET A 78 -21.35 0.53 15.98
N ARG A 79 -21.42 -0.53 16.76
CA ARG A 79 -20.63 -1.76 16.57
C ARG A 79 -19.85 -1.93 15.25
N GLU A 80 -20.57 -1.95 14.13
CA GLU A 80 -19.96 -2.12 12.81
C GLU A 80 -18.67 -1.31 12.61
N LEU A 81 -18.72 -0.05 13.03
CA LEU A 81 -17.63 0.91 12.91
C LEU A 81 -16.96 1.19 14.25
N LYS A 82 -16.85 0.19 15.11
CA LYS A 82 -16.23 0.43 16.41
C LYS A 82 -14.74 0.69 16.34
N HIS A 83 -14.06 0.09 15.37
CA HIS A 83 -12.62 0.27 15.25
C HIS A 83 -12.21 1.44 14.39
N VAL A 84 -13.22 2.16 13.93
CA VAL A 84 -13.01 3.32 13.09
C VAL A 84 -11.97 4.23 13.75
N GLY A 85 -11.66 3.95 15.01
CA GLY A 85 -10.69 4.73 15.75
C GLY A 85 -9.21 4.51 15.41
N ILE A 86 -8.89 3.40 14.73
CA ILE A 86 -7.50 3.17 14.39
C ILE A 86 -7.24 3.47 12.93
N LEU A 87 -8.13 4.25 12.31
CA LEU A 87 -7.93 4.64 10.94
C LEU A 87 -6.82 5.70 10.88
N PRO A 88 -6.00 5.66 9.84
CA PRO A 88 -4.90 6.61 9.66
C PRO A 88 -5.51 7.95 9.28
N PRO A 89 -4.88 9.06 9.69
CA PRO A 89 -5.40 10.39 9.36
C PRO A 89 -5.37 10.62 7.85
N LEU A 90 -6.15 11.59 7.41
CA LEU A 90 -6.19 11.91 6.00
C LEU A 90 -6.05 13.41 5.99
N ARG A 91 -4.85 13.89 5.67
CA ARG A 91 -4.55 15.32 5.65
C ARG A 91 -4.79 15.87 4.25
N THR A 92 -6.04 16.21 3.96
CA THR A 92 -6.47 16.76 2.67
C THR A 92 -7.03 18.18 2.88
N PRO A 93 -7.18 18.97 1.81
CA PRO A 93 -7.71 20.33 1.97
C PRO A 93 -9.10 20.41 2.62
N HIS A 94 -9.96 19.42 2.38
CA HIS A 94 -11.27 19.50 3.01
C HIS A 94 -11.25 18.99 4.46
N HIS A 95 -10.09 18.58 4.95
CA HIS A 95 -9.94 18.12 6.32
C HIS A 95 -9.16 19.16 7.14
N PRO A 96 -9.66 20.42 7.23
CA PRO A 96 -8.91 21.43 7.99
C PRO A 96 -9.06 21.24 9.49
N THR A 97 -8.08 21.70 10.25
CA THR A 97 -8.21 21.56 11.68
C THR A 97 -8.16 22.97 12.26
N GLY A 98 -8.73 23.12 13.44
CA GLY A 98 -8.72 24.43 14.06
C GLY A 98 -9.74 25.36 13.47
N LYS A 99 -10.12 26.36 14.27
CA LYS A 99 -11.10 27.37 13.93
C LYS A 99 -11.03 27.90 12.50
N PRO A 100 -12.20 28.12 11.87
CA PRO A 100 -12.30 28.63 10.50
C PRO A 100 -11.86 30.10 10.36
N VAL A 101 -11.16 30.41 9.28
CA VAL A 101 -10.71 31.75 9.02
C VAL A 101 -11.48 32.32 7.83
N THR A 102 -11.46 33.65 7.68
CA THR A 102 -12.19 34.28 6.59
C THR A 102 -11.66 33.78 5.26
N GLY A 103 -12.54 33.71 4.26
CA GLY A 103 -12.13 33.26 2.94
C GLY A 103 -11.82 31.76 2.77
N GLU A 104 -11.79 31.03 3.87
CA GLU A 104 -11.51 29.59 3.88
C GLU A 104 -12.70 28.74 3.39
N TYR A 105 -12.38 27.70 2.62
CA TYR A 105 -13.39 26.80 2.11
C TYR A 105 -13.54 25.65 3.08
N ARG A 106 -14.77 25.35 3.48
CA ARG A 106 -15.02 24.25 4.39
C ARG A 106 -16.25 23.46 3.98
N GLN A 107 -16.29 22.22 4.39
CA GLN A 107 -17.43 21.39 4.10
C GLN A 107 -18.23 21.54 5.35
N GLY A 108 -19.54 21.60 5.20
CA GLY A 108 -20.39 21.76 6.37
C GLY A 108 -21.66 20.94 6.27
N LEU A 109 -22.19 20.57 7.41
CA LEU A 109 -23.39 19.79 7.45
C LEU A 109 -24.53 20.73 7.79
N THR A 110 -25.47 20.89 6.86
CA THR A 110 -26.63 21.75 7.11
C THR A 110 -27.38 21.15 8.31
N VAL A 111 -27.64 21.95 9.33
CA VAL A 111 -28.30 21.44 10.53
C VAL A 111 -29.79 21.80 10.63
N LYS A 112 -30.09 23.00 11.12
CA LYS A 112 -31.48 23.43 11.27
C LYS A 112 -31.72 24.64 10.39
N ARG A 113 -32.91 24.75 9.81
CA ARG A 113 -33.20 25.92 8.98
C ARG A 113 -33.97 26.95 9.79
N VAL A 114 -33.49 28.18 9.81
CA VAL A 114 -34.14 29.23 10.57
C VAL A 114 -34.80 30.28 9.65
N LYS A 115 -35.11 31.46 10.21
CA LYS A 115 -35.72 32.50 9.40
C LYS A 115 -34.62 33.21 8.62
N LYS A 116 -33.45 33.33 9.26
CA LYS A 116 -32.30 33.96 8.66
C LYS A 116 -31.77 33.12 7.50
N GLY A 117 -32.20 31.85 7.44
CA GLY A 117 -31.76 30.96 6.39
C GLY A 117 -31.46 29.57 6.92
N THR A 118 -30.25 29.06 6.66
CA THR A 118 -29.89 27.72 7.15
C THR A 118 -28.72 27.73 8.13
N LEU A 119 -28.85 27.02 9.24
CA LEU A 119 -27.77 26.92 10.21
C LEU A 119 -26.92 25.72 9.80
N VAL A 120 -25.59 25.85 9.90
CA VAL A 120 -24.72 24.76 9.46
C VAL A 120 -23.49 24.52 10.33
N ASP A 121 -23.15 23.24 10.49
CA ASP A 121 -21.97 22.88 11.29
C ASP A 121 -20.74 22.84 10.40
N ILE A 122 -19.81 23.77 10.62
CA ILE A 122 -18.56 23.84 9.84
C ILE A 122 -17.35 23.61 10.72
N GLY A 123 -17.57 23.24 11.98
CA GLY A 123 -16.48 22.98 12.88
C GLY A 123 -16.01 24.13 13.76
N ALA A 124 -16.89 25.04 14.14
CA ALA A 124 -16.52 26.16 15.00
C ALA A 124 -17.59 26.35 16.08
N ASP A 125 -18.74 26.78 15.58
CA ASP A 125 -19.97 27.01 16.32
C ASP A 125 -20.92 27.14 15.15
N LYS A 126 -22.19 26.86 15.35
CA LYS A 126 -23.10 26.90 14.22
C LYS A 126 -22.99 28.17 13.37
N LEU A 127 -22.74 27.96 12.08
CA LEU A 127 -22.61 29.03 11.11
C LEU A 127 -23.94 29.22 10.38
N ALA A 128 -24.17 30.41 9.83
CA ALA A 128 -25.42 30.65 9.12
C ALA A 128 -25.20 30.88 7.65
N LEU A 129 -26.00 30.19 6.83
CA LEU A 129 -25.93 30.40 5.40
C LEU A 129 -27.25 31.11 5.11
N CYS A 130 -27.17 32.21 4.36
CA CYS A 130 -28.33 33.01 4.00
C CYS A 130 -29.24 32.38 2.96
N ARG A 131 -28.69 31.54 2.09
CA ARG A 131 -29.48 30.90 1.03
C ARG A 131 -30.61 30.04 1.61
N GLU A 132 -31.60 30.72 2.16
CA GLU A 132 -32.77 30.14 2.81
C GLU A 132 -33.00 28.64 2.72
N LYS A 133 -33.51 28.17 1.59
CA LYS A 133 -33.83 26.75 1.46
C LYS A 133 -32.72 25.73 1.23
N LEU A 134 -31.73 25.71 2.12
CA LEU A 134 -30.72 24.68 1.99
C LEU A 134 -31.39 23.50 2.68
N THR A 135 -31.49 22.37 2.00
CA THR A 135 -32.10 21.22 2.63
C THR A 135 -31.19 20.75 3.78
N VAL A 136 -31.79 20.47 4.95
CA VAL A 136 -31.01 20.04 6.11
C VAL A 136 -30.39 18.66 5.98
N ASN A 137 -29.49 18.36 6.90
CA ASN A 137 -28.76 17.10 6.97
C ASN A 137 -27.97 16.70 5.69
N ARG A 138 -27.30 17.69 5.11
CA ARG A 138 -26.48 17.48 3.93
C ARG A 138 -25.07 18.02 4.18
N ILE A 139 -24.11 17.46 3.46
CA ILE A 139 -22.74 17.90 3.59
C ILE A 139 -22.47 18.63 2.30
N MET A 140 -22.27 19.94 2.41
CA MET A 140 -22.00 20.80 1.27
C MET A 140 -20.73 21.62 1.49
N SER A 141 -20.24 22.19 0.41
CA SER A 141 -19.04 22.98 0.47
C SER A 141 -19.43 24.44 0.58
N PHE A 142 -18.78 25.13 1.50
CA PHE A 142 -19.03 26.54 1.71
C PHE A 142 -17.73 27.31 1.73
N ARG A 143 -17.89 28.64 1.64
CA ARG A 143 -16.82 29.61 1.69
C ARG A 143 -17.25 30.43 2.90
N VAL A 144 -16.30 30.72 3.79
CA VAL A 144 -16.59 31.53 4.97
C VAL A 144 -16.59 32.99 4.50
N VAL A 145 -17.76 33.63 4.55
CA VAL A 145 -17.89 35.02 4.13
C VAL A 145 -17.38 35.96 5.21
N ARG A 146 -17.89 35.81 6.43
CA ARG A 146 -17.47 36.63 7.55
C ARG A 146 -17.53 35.91 8.90
N LEU A 147 -16.70 36.38 9.83
CA LEU A 147 -16.65 35.81 11.18
C LEU A 147 -17.50 36.62 12.17
N GLY A 148 -17.63 36.10 13.38
CA GLY A 148 -18.43 36.78 14.39
C GLY A 148 -19.00 35.75 15.33
N LYS A 149 -19.97 36.13 16.16
CA LYS A 149 -20.55 35.17 17.09
C LYS A 149 -21.27 34.09 16.28
N GLU A 150 -21.66 34.45 15.07
CA GLU A 150 -22.31 33.55 14.16
C GLU A 150 -21.62 33.80 12.83
N ILE A 151 -20.76 32.85 12.45
CA ILE A 151 -19.99 32.96 11.23
C ILE A 151 -20.95 32.98 10.03
N LEU A 152 -20.51 33.58 8.94
CA LEU A 152 -21.32 33.67 7.75
C LEU A 152 -20.64 32.96 6.61
N ILE A 153 -21.40 32.17 5.86
CA ILE A 153 -20.85 31.43 4.72
C ILE A 153 -21.86 31.40 3.57
N GLU A 154 -21.35 31.03 2.39
CA GLU A 154 -22.15 30.91 1.18
C GLU A 154 -21.70 29.61 0.52
N PRO A 155 -22.63 28.84 -0.08
CA PRO A 155 -22.17 27.61 -0.70
C PRO A 155 -21.19 27.92 -1.83
N ASP A 156 -20.08 27.18 -1.86
CA ASP A 156 -19.03 27.38 -2.85
C ASP A 156 -18.02 26.20 -2.84
N GLU A 157 -17.62 25.76 -4.03
CA GLU A 157 -16.65 24.66 -4.15
C GLU A 157 -15.32 25.11 -4.77
N PRO A 158 -14.20 24.65 -4.20
CA PRO A 158 -12.89 25.03 -4.74
C PRO A 158 -12.67 24.24 -6.03
N GLU A 159 -11.90 24.82 -6.95
CA GLU A 159 -11.59 24.13 -8.20
C GLU A 159 -10.07 24.07 -8.26
N ASP A 160 -9.44 24.90 -7.44
CA ASP A 160 -8.00 24.97 -7.38
C ASP A 160 -7.39 23.98 -6.40
N ARG A 161 -8.12 22.95 -6.01
CA ARG A 161 -7.58 21.97 -5.07
C ARG A 161 -8.34 20.64 -5.03
N TYR A 162 -7.73 19.66 -4.38
CA TYR A 162 -8.35 18.35 -4.23
C TYR A 162 -9.44 18.53 -3.19
N TRP A 163 -10.59 17.95 -3.46
CA TRP A 163 -11.70 18.10 -2.55
C TRP A 163 -12.29 16.76 -2.09
N GLY A 164 -11.52 15.68 -2.21
CA GLY A 164 -12.00 14.38 -1.76
C GLY A 164 -12.71 13.56 -2.82
N TYR A 165 -13.26 12.42 -2.41
CA TYR A 165 -13.96 11.56 -3.36
C TYR A 165 -15.42 11.30 -2.97
N GLU A 166 -16.25 11.01 -3.96
CA GLU A 166 -17.62 10.68 -3.67
C GLU A 166 -17.62 9.16 -3.74
N VAL A 167 -18.34 8.49 -2.87
CA VAL A 167 -18.34 7.03 -2.94
C VAL A 167 -19.70 6.55 -3.41
N LEU A 168 -19.71 5.80 -4.51
CA LEU A 168 -20.97 5.32 -5.04
C LEU A 168 -21.17 3.89 -4.67
N ASP A 169 -22.17 3.65 -3.85
CA ASP A 169 -22.51 2.30 -3.42
C ASP A 169 -23.67 1.83 -4.29
N THR A 170 -23.36 1.41 -5.51
CA THR A 170 -24.38 0.90 -6.44
C THR A 170 -24.50 -0.54 -6.00
N ARG A 171 -25.71 -0.98 -5.69
CA ARG A 171 -25.83 -2.36 -5.26
C ARG A 171 -25.90 -3.27 -6.48
N ARG A 172 -25.43 -2.76 -7.61
CA ARG A 172 -25.43 -3.53 -8.85
C ARG A 172 -24.07 -4.11 -9.22
N ASN A 173 -24.10 -5.11 -10.09
CA ASN A 173 -22.86 -5.72 -10.52
C ASN A 173 -22.02 -4.72 -11.34
N LEU A 174 -20.80 -5.12 -11.68
CA LEU A 174 -19.88 -4.28 -12.43
C LEU A 174 -20.47 -3.72 -13.74
N ALA A 175 -20.94 -4.61 -14.58
CA ALA A 175 -21.52 -4.20 -15.86
C ALA A 175 -22.47 -3.01 -15.72
N GLU A 176 -23.42 -3.09 -14.80
CA GLU A 176 -24.37 -1.99 -14.61
C GLU A 176 -23.77 -0.81 -13.86
N SER A 177 -22.96 -1.07 -12.84
CA SER A 177 -22.34 0.02 -12.08
C SER A 177 -21.48 0.86 -13.03
N LEU A 178 -20.85 0.19 -13.99
CA LEU A 178 -20.00 0.86 -14.98
C LEU A 178 -20.93 1.71 -15.86
N LYS A 179 -22.02 1.06 -16.27
CA LYS A 179 -23.05 1.66 -17.11
C LYS A 179 -23.53 2.98 -16.52
N THR A 180 -23.53 3.06 -15.19
CA THR A 180 -23.95 4.26 -14.48
C THR A 180 -23.05 5.47 -14.76
N VAL A 181 -21.84 5.44 -14.20
CA VAL A 181 -20.87 6.53 -14.35
C VAL A 181 -20.30 6.67 -15.77
N GLY A 182 -20.37 5.59 -16.54
CA GLY A 182 -19.89 5.60 -17.92
C GLY A 182 -18.88 6.66 -18.32
N ALA A 183 -17.60 6.31 -18.20
CA ALA A 183 -16.51 7.21 -18.54
C ALA A 183 -16.04 6.97 -19.98
N ASP A 184 -15.31 7.93 -20.52
CA ASP A 184 -14.79 7.82 -21.89
C ASP A 184 -13.72 6.75 -22.03
N VAL A 185 -13.06 6.42 -20.92
CA VAL A 185 -12.03 5.38 -20.94
C VAL A 185 -12.22 4.42 -19.76
N VAL A 186 -12.25 3.14 -20.07
CA VAL A 186 -12.45 2.16 -19.04
C VAL A 186 -11.26 1.20 -19.07
N VAL A 187 -10.37 1.34 -18.08
CA VAL A 187 -9.17 0.51 -17.95
C VAL A 187 -9.47 -0.63 -16.98
N ALA A 188 -9.41 -1.86 -17.45
CA ALA A 188 -9.63 -3.03 -16.60
C ALA A 188 -8.25 -3.59 -16.30
N THR A 189 -7.96 -3.87 -15.03
CA THR A 189 -6.67 -4.42 -14.67
C THR A 189 -6.83 -5.90 -14.38
N SER A 190 -5.91 -6.70 -14.90
CA SER A 190 -5.95 -8.14 -14.71
C SER A 190 -4.58 -8.79 -14.79
N ARG A 191 -4.32 -9.71 -13.87
CA ARG A 191 -3.05 -10.39 -13.86
C ARG A 191 -2.79 -11.10 -15.18
N ASN A 192 -3.86 -11.42 -15.90
CA ASN A 192 -3.72 -12.12 -17.17
C ASN A 192 -3.69 -11.27 -18.42
N ALA A 193 -3.80 -9.95 -18.28
CA ALA A 193 -3.75 -9.06 -19.43
C ALA A 193 -2.31 -8.69 -19.76
N SER A 194 -2.09 -8.11 -20.93
CA SER A 194 -0.74 -7.75 -21.33
C SER A 194 -0.11 -6.87 -20.26
N PRO A 195 1.20 -7.06 -20.00
CA PRO A 195 1.91 -6.26 -19.01
C PRO A 195 1.84 -4.83 -19.46
N ILE A 196 1.71 -3.92 -18.50
CA ILE A 196 1.63 -2.49 -18.80
C ILE A 196 2.93 -2.01 -19.47
N THR A 197 4.03 -2.64 -19.10
CA THR A 197 5.33 -2.27 -19.65
C THR A 197 5.42 -2.37 -21.16
N SER A 198 4.59 -3.22 -21.75
CA SER A 198 4.58 -3.40 -23.21
C SER A 198 3.70 -2.38 -23.92
N ILE A 199 2.46 -2.24 -23.43
CA ILE A 199 1.45 -1.33 -23.99
C ILE A 199 1.46 0.04 -23.33
N LEU A 200 2.59 0.36 -22.71
CA LEU A 200 2.73 1.62 -22.00
C LEU A 200 2.34 2.91 -22.74
N ASP A 201 2.96 3.20 -23.87
CA ASP A 201 2.62 4.43 -24.59
C ASP A 201 1.18 4.48 -25.11
N GLU A 202 0.56 3.32 -25.28
CA GLU A 202 -0.81 3.28 -25.73
C GLU A 202 -1.64 3.86 -24.59
N VAL A 203 -1.46 3.27 -23.41
CA VAL A 203 -2.16 3.70 -22.21
C VAL A 203 -1.88 5.18 -21.95
N LYS A 204 -0.65 5.59 -22.18
CA LYS A 204 -0.30 6.98 -21.94
C LYS A 204 -1.21 7.88 -22.75
N THR A 205 -1.39 7.54 -24.02
CA THR A 205 -2.21 8.32 -24.94
C THR A 205 -3.72 8.27 -24.64
N ARG A 206 -4.28 7.07 -24.53
CA ARG A 206 -5.70 6.93 -24.20
C ARG A 206 -6.05 7.74 -22.98
N MET A 207 -5.30 7.54 -21.91
CA MET A 207 -5.57 8.26 -20.66
C MET A 207 -5.54 9.75 -20.92
N ARG A 208 -4.72 10.19 -21.86
CA ARG A 208 -4.67 11.60 -22.16
C ARG A 208 -5.96 12.06 -22.82
N GLY A 209 -6.83 11.11 -23.18
CA GLY A 209 -8.13 11.46 -23.74
C GLY A 209 -8.60 12.50 -22.77
N ALA A 210 -8.30 12.23 -21.51
CA ALA A 210 -8.53 13.13 -20.40
C ALA A 210 -9.90 13.45 -19.84
N ARG A 211 -10.96 12.74 -20.20
CA ARG A 211 -12.23 13.14 -19.57
C ARG A 211 -12.27 12.57 -18.16
N GLU A 212 -12.77 11.35 -18.07
CA GLU A 212 -12.87 10.65 -16.81
C GLU A 212 -12.55 9.20 -17.15
N ALA A 213 -11.60 8.62 -16.43
CA ALA A 213 -11.23 7.24 -16.66
C ALA A 213 -11.70 6.33 -15.51
N ALA A 214 -12.13 5.13 -15.84
CA ALA A 214 -12.55 4.20 -14.81
C ALA A 214 -11.55 3.07 -14.74
N ILE A 215 -10.95 2.88 -13.56
CA ILE A 215 -9.99 1.81 -13.35
C ILE A 215 -10.75 0.71 -12.60
N LEU A 216 -10.70 -0.51 -13.14
CA LEU A 216 -11.40 -1.64 -12.55
C LEU A 216 -10.51 -2.67 -11.90
N PHE A 217 -10.83 -3.02 -10.65
CA PHE A 217 -10.05 -4.01 -9.94
C PHE A 217 -10.95 -5.18 -9.53
N GLY A 218 -10.42 -6.38 -9.67
CA GLY A 218 -11.15 -7.57 -9.30
C GLY A 218 -10.39 -8.14 -8.11
N GLY A 219 -10.78 -9.30 -7.63
CA GLY A 219 -10.05 -9.89 -6.51
C GLY A 219 -8.81 -10.60 -7.00
N PRO A 220 -7.95 -11.06 -6.08
CA PRO A 220 -6.73 -11.78 -6.42
C PRO A 220 -7.11 -13.12 -7.06
N TYR A 221 -8.25 -13.64 -6.61
CA TYR A 221 -8.80 -14.92 -7.05
C TYR A 221 -9.60 -14.85 -8.37
N LYS A 222 -10.81 -14.31 -8.32
CA LYS A 222 -11.65 -14.20 -9.51
C LYS A 222 -11.40 -12.93 -10.29
N GLY A 223 -11.15 -13.10 -11.59
CA GLY A 223 -10.92 -11.95 -12.45
C GLY A 223 -12.23 -11.23 -12.73
N LEU A 224 -12.14 -10.13 -13.46
CA LEU A 224 -13.31 -9.34 -13.79
C LEU A 224 -14.32 -10.11 -14.65
N PRO A 225 -15.58 -9.63 -14.70
CA PRO A 225 -16.62 -10.28 -15.49
C PRO A 225 -16.41 -9.93 -16.98
N GLU A 226 -17.18 -10.56 -17.86
CA GLU A 226 -17.08 -10.29 -19.30
C GLU A 226 -17.58 -8.87 -19.55
N ILE A 227 -16.75 -7.89 -19.23
CA ILE A 227 -17.13 -6.49 -19.39
C ILE A 227 -16.51 -5.77 -20.60
N ASP A 228 -17.00 -4.56 -20.84
CA ASP A 228 -16.55 -3.75 -21.96
C ASP A 228 -15.53 -2.74 -21.45
N ALA A 229 -14.26 -2.96 -21.76
CA ALA A 229 -13.21 -2.06 -21.31
C ALA A 229 -12.34 -1.59 -22.47
N ASP A 230 -12.04 -0.30 -22.51
CA ASP A 230 -11.21 0.23 -23.57
C ASP A 230 -9.83 -0.39 -23.57
N ILE A 231 -9.38 -0.84 -22.40
CA ILE A 231 -8.05 -1.41 -22.27
C ILE A 231 -7.96 -2.49 -21.21
N TRP A 232 -7.07 -3.46 -21.41
CA TRP A 232 -6.87 -4.51 -20.41
C TRP A 232 -5.37 -4.61 -20.15
N VAL A 233 -4.97 -4.38 -18.90
CA VAL A 233 -3.56 -4.45 -18.53
C VAL A 233 -3.27 -5.10 -17.19
N ASN A 234 -2.04 -5.55 -17.06
CA ASN A 234 -1.54 -6.09 -15.81
C ASN A 234 -0.62 -4.94 -15.41
N THR A 235 -1.03 -4.16 -14.42
CA THR A 235 -0.21 -3.02 -13.98
C THR A 235 0.89 -3.45 -13.02
N LEU A 236 0.90 -4.72 -12.63
CA LEU A 236 1.91 -5.30 -11.75
C LEU A 236 2.63 -6.54 -12.34
N PRO A 237 3.24 -6.39 -13.53
CA PRO A 237 3.96 -7.47 -14.20
C PRO A 237 5.09 -8.11 -13.41
N GLY A 238 5.19 -9.42 -13.48
CA GLY A 238 6.25 -10.12 -12.78
C GLY A 238 6.13 -10.16 -11.27
N GLN A 239 4.90 -10.12 -10.74
CA GLN A 239 4.71 -10.17 -9.29
C GLN A 239 5.40 -11.44 -8.80
N CYS A 240 5.97 -11.40 -7.60
CA CYS A 240 6.68 -12.56 -7.06
C CYS A 240 5.91 -13.32 -6.00
N THR A 241 4.67 -12.93 -5.77
CA THR A 241 3.82 -13.59 -4.80
C THR A 241 2.68 -14.17 -5.60
N GLU A 242 2.12 -15.28 -5.16
CA GLU A 242 1.04 -15.87 -5.94
C GLU A 242 -0.14 -14.91 -6.01
N THR A 243 -0.31 -14.08 -4.98
CA THR A 243 -1.42 -13.14 -4.96
C THR A 243 -1.05 -11.67 -4.72
N VAL A 244 -1.95 -10.80 -5.15
CA VAL A 244 -1.83 -9.38 -4.98
C VAL A 244 -3.22 -8.94 -4.51
N ARG A 245 -3.30 -8.51 -3.26
CA ARG A 245 -4.56 -8.06 -2.70
C ARG A 245 -5.05 -6.79 -3.36
N THR A 246 -6.37 -6.59 -3.34
CA THR A 246 -6.97 -5.41 -3.94
C THR A 246 -6.49 -4.05 -3.41
N GLU A 247 -6.42 -3.86 -2.10
CA GLU A 247 -5.91 -2.58 -1.56
C GLU A 247 -4.52 -2.37 -2.19
N GLU A 248 -3.74 -3.43 -2.30
CA GLU A 248 -2.40 -3.35 -2.87
C GLU A 248 -2.42 -2.96 -4.34
N ALA A 249 -3.23 -3.68 -5.12
CA ALA A 249 -3.32 -3.41 -6.53
C ALA A 249 -3.83 -2.00 -6.79
N VAL A 250 -4.65 -1.46 -5.88
CA VAL A 250 -5.20 -0.14 -6.09
C VAL A 250 -4.11 0.89 -6.02
N LEU A 251 -3.31 0.80 -4.97
CA LEU A 251 -2.19 1.72 -4.78
C LEU A 251 -1.14 1.53 -5.89
N ALA A 252 -0.74 0.28 -6.12
CA ALA A 252 0.27 0.04 -7.14
C ALA A 252 -0.15 0.60 -8.48
N THR A 253 -1.42 0.40 -8.85
CA THR A 253 -1.95 0.88 -10.13
C THR A 253 -2.13 2.41 -10.19
N LEU A 254 -2.62 3.00 -9.10
CA LEU A 254 -2.83 4.44 -9.09
C LEU A 254 -1.49 5.13 -9.26
N SER A 255 -0.45 4.55 -8.69
CA SER A 255 0.87 5.14 -8.79
C SER A 255 1.45 5.05 -10.19
N VAL A 256 1.27 3.91 -10.83
CA VAL A 256 1.77 3.77 -12.18
C VAL A 256 1.02 4.75 -13.10
N PHE A 257 -0.29 4.87 -12.92
CA PHE A 257 -1.03 5.78 -13.75
C PHE A 257 -0.72 7.23 -13.49
N ASN A 258 -0.53 7.57 -12.22
CA ASN A 258 -0.22 8.93 -11.86
C ASN A 258 0.98 9.44 -12.64
N MET A 259 1.90 8.54 -12.99
CA MET A 259 3.06 9.00 -13.73
C MET A 259 2.80 9.08 -15.25
N LEU A 260 1.86 8.30 -15.77
CA LEU A 260 1.55 8.34 -17.20
C LEU A 260 0.76 9.61 -17.54
N THR A 261 -0.05 10.06 -16.60
CA THR A 261 -0.85 11.26 -16.81
C THR A 261 -0.02 12.52 -16.43
N GLN A 262 1.24 12.56 -16.84
CA GLN A 262 2.13 13.67 -16.54
C GLN A 262 2.18 13.97 -15.04
N MET B 1 10.30 -7.06 -13.03
CA MET B 1 11.71 -6.55 -13.02
C MET B 1 12.66 -7.69 -12.67
N ASN B 2 13.88 -7.63 -13.17
CA ASN B 2 14.88 -8.66 -12.89
C ASN B 2 16.30 -8.18 -13.21
N ARG B 3 17.29 -8.99 -12.87
CA ARG B 3 18.70 -8.66 -13.10
C ARG B 3 19.07 -7.29 -12.59
N VAL B 4 18.26 -6.78 -11.66
CA VAL B 4 18.50 -5.48 -11.02
C VAL B 4 18.09 -5.74 -9.58
N ASP B 5 19.05 -6.13 -8.75
CA ASP B 5 18.77 -6.43 -7.34
C ASP B 5 18.43 -5.16 -6.57
N LEU B 6 17.33 -5.23 -5.83
CA LEU B 6 16.85 -4.10 -5.06
C LEU B 6 16.93 -4.26 -3.57
N SER B 7 17.51 -3.31 -2.99
CA SER B 7 17.51 -3.15 -1.54
C SER B 7 16.79 -1.87 -1.14
N LEU B 8 16.04 -1.84 -0.14
CA LEU B 8 15.39 -0.60 0.18
C LEU B 8 15.77 -0.29 1.57
N PHE B 9 15.78 1.00 1.85
CA PHE B 9 16.14 1.53 3.14
C PHE B 9 14.91 2.24 3.70
N ILE B 10 14.49 1.79 4.89
CA ILE B 10 13.34 2.34 5.57
C ILE B 10 13.74 2.80 6.97
N PRO B 11 13.10 3.87 7.48
CA PRO B 11 13.46 4.34 8.83
C PRO B 11 12.80 3.55 9.92
N ASP B 12 13.53 3.39 11.02
CA ASP B 12 13.08 2.66 12.21
C ASP B 12 12.00 3.41 12.96
N SER B 13 11.56 4.51 12.38
CA SER B 13 10.53 5.32 12.97
C SER B 13 9.18 5.12 12.26
N LEU B 14 9.09 4.17 11.34
CA LEU B 14 7.84 4.03 10.59
C LEU B 14 6.58 3.61 11.34
N THR B 15 6.73 2.98 12.48
CA THR B 15 5.58 2.55 13.27
C THR B 15 5.37 3.50 14.45
N ALA B 16 6.18 4.57 14.51
CA ALA B 16 6.13 5.50 15.63
C ALA B 16 4.82 6.19 15.99
N GLU B 17 4.00 6.52 15.00
CA GLU B 17 2.74 7.21 15.31
C GLU B 17 1.51 6.35 15.62
N THR B 18 1.67 5.04 15.73
CA THR B 18 0.52 4.20 16.01
C THR B 18 0.65 3.52 17.36
N GLY B 19 -0.33 3.76 18.22
CA GLY B 19 -0.30 3.14 19.53
C GLY B 19 -0.75 1.70 19.39
N ASP B 20 -1.80 1.46 18.60
CA ASP B 20 -2.31 0.11 18.44
C ASP B 20 -1.25 -0.85 17.94
N LEU B 21 -1.01 -1.90 18.72
CA LEU B 21 0.00 -2.88 18.39
C LEU B 21 -0.37 -3.74 17.20
N LYS B 22 -1.64 -4.13 17.12
CA LYS B 22 -2.12 -4.98 16.02
C LYS B 22 -1.91 -4.26 14.68
N ILE B 23 -2.31 -3.00 14.63
CA ILE B 23 -2.16 -2.18 13.44
C ILE B 23 -0.66 -2.01 13.23
N LYS B 24 0.07 -1.80 14.32
CA LYS B 24 1.50 -1.60 14.20
C LYS B 24 2.19 -2.82 13.57
N THR B 25 1.78 -4.03 13.97
CA THR B 25 2.44 -5.15 13.35
C THR B 25 1.96 -5.28 11.91
N TYR B 26 0.69 -4.98 11.68
CA TYR B 26 0.14 -5.08 10.34
C TYR B 26 0.84 -4.11 9.38
N LYS B 27 1.18 -2.93 9.86
CA LYS B 27 1.84 -1.95 9.02
C LYS B 27 3.20 -2.49 8.56
N VAL B 28 3.95 -3.14 9.45
CA VAL B 28 5.27 -3.67 9.06
C VAL B 28 5.05 -4.81 8.07
N VAL B 29 3.97 -5.56 8.27
CA VAL B 29 3.60 -6.66 7.37
C VAL B 29 3.34 -6.12 5.96
N LEU B 30 2.80 -4.91 5.85
CA LEU B 30 2.52 -4.37 4.53
C LEU B 30 3.86 -4.16 3.83
N ILE B 31 4.89 -3.76 4.59
CA ILE B 31 6.18 -3.55 3.96
C ILE B 31 6.72 -4.89 3.50
N ALA B 32 6.48 -5.91 4.30
CA ALA B 32 6.91 -7.25 3.95
C ALA B 32 6.25 -7.67 2.62
N ARG B 33 4.95 -7.35 2.44
CA ARG B 33 4.26 -7.71 1.20
C ARG B 33 4.79 -6.92 -0.01
N ALA B 34 4.91 -5.61 0.14
CA ALA B 34 5.38 -4.81 -0.98
C ALA B 34 6.77 -5.29 -1.43
N ALA B 35 7.62 -5.59 -0.47
CA ALA B 35 8.95 -6.08 -0.78
C ALA B 35 8.88 -7.38 -1.62
N SER B 36 8.13 -8.34 -1.13
CA SER B 36 8.02 -9.63 -1.82
C SER B 36 7.35 -9.48 -3.18
N ILE B 37 6.28 -8.70 -3.24
CA ILE B 37 5.58 -8.55 -4.51
C ILE B 37 6.57 -8.16 -5.60
N PHE B 38 7.44 -7.22 -5.25
CA PHE B 38 8.38 -6.75 -6.23
C PHE B 38 9.74 -7.40 -6.24
N GLY B 39 9.87 -8.52 -5.56
CA GLY B 39 11.14 -9.24 -5.55
C GLY B 39 12.32 -8.53 -4.90
N VAL B 40 12.08 -7.73 -3.88
CA VAL B 40 13.18 -7.03 -3.24
C VAL B 40 14.15 -8.03 -2.58
N LYS B 41 15.46 -7.79 -2.73
CA LYS B 41 16.47 -8.68 -2.18
C LYS B 41 16.71 -8.45 -0.71
N ARG B 42 16.66 -7.20 -0.28
CA ARG B 42 16.84 -6.92 1.13
C ARG B 42 16.23 -5.62 1.66
N ILE B 43 16.01 -5.63 2.96
CA ILE B 43 15.42 -4.53 3.64
C ILE B 43 16.36 -4.07 4.74
N VAL B 44 16.87 -2.85 4.56
CA VAL B 44 17.78 -2.24 5.51
C VAL B 44 17.01 -1.31 6.42
N ILE B 45 17.06 -1.55 7.72
CA ILE B 45 16.38 -0.69 8.68
C ILE B 45 17.41 0.28 9.31
N TYR B 46 17.31 1.57 9.03
CA TYR B 46 18.26 2.55 9.59
C TYR B 46 17.71 3.41 10.74
N HIS B 47 18.63 3.98 11.49
CA HIS B 47 18.26 4.82 12.61
C HIS B 47 18.01 6.28 12.18
N ASP B 48 17.05 6.97 12.81
CA ASP B 48 16.84 8.37 12.46
C ASP B 48 16.30 9.29 13.58
N ASP B 49 15.02 9.19 13.93
CA ASP B 49 14.44 10.04 14.98
C ASP B 49 14.88 9.67 16.41
N ALA B 50 14.30 10.34 17.40
CA ALA B 50 14.62 10.11 18.81
C ALA B 50 14.71 8.63 19.19
N ASP B 51 13.55 8.03 19.47
CA ASP B 51 13.51 6.63 19.82
C ASP B 51 13.30 5.87 18.53
N GLY B 52 12.74 4.68 18.64
CA GLY B 52 12.51 3.87 17.47
C GLY B 52 12.14 2.46 17.87
N GLU B 53 11.83 1.64 16.88
CA GLU B 53 11.45 0.26 17.12
C GLU B 53 12.08 -0.55 16.01
N ALA B 54 13.40 -0.41 15.87
CA ALA B 54 14.17 -1.11 14.86
C ALA B 54 14.08 -2.60 15.11
N ARG B 55 14.02 -2.96 16.38
CA ARG B 55 13.95 -4.37 16.76
C ARG B 55 12.60 -4.94 16.37
N PHE B 56 11.51 -4.23 16.69
CA PHE B 56 10.16 -4.70 16.36
C PHE B 56 9.98 -4.85 14.85
N ILE B 57 10.52 -3.89 14.12
CA ILE B 57 10.44 -3.86 12.67
C ILE B 57 11.24 -5.04 12.10
N ARG B 58 12.39 -5.31 12.70
CA ARG B 58 13.24 -6.42 12.28
C ARG B 58 12.56 -7.76 12.58
N ASP B 59 11.90 -7.84 13.72
CA ASP B 59 11.24 -9.08 14.05
C ASP B 59 10.09 -9.41 13.10
N ILE B 60 9.14 -8.49 12.91
CA ILE B 60 8.00 -8.76 12.03
C ILE B 60 8.42 -9.12 10.60
N LEU B 61 9.32 -8.34 10.00
CA LEU B 61 9.76 -8.61 8.64
C LEU B 61 10.40 -9.99 8.50
N THR B 62 11.21 -10.35 9.49
CA THR B 62 11.85 -11.67 9.47
C THR B 62 10.85 -12.75 9.69
N TYR B 63 10.00 -12.59 10.70
CA TYR B 63 8.96 -13.55 10.98
C TYR B 63 8.27 -13.90 9.66
N MET B 64 7.98 -12.91 8.84
CA MET B 64 7.29 -13.13 7.58
C MET B 64 8.09 -13.76 6.47
N ASP B 65 9.38 -13.48 6.45
CA ASP B 65 10.25 -14.02 5.42
C ASP B 65 10.52 -15.50 5.77
N THR B 66 10.61 -15.76 7.06
CA THR B 66 10.86 -17.10 7.57
C THR B 66 9.69 -18.03 7.26
N PRO B 67 9.97 -19.20 6.66
CA PRO B 67 8.89 -20.15 6.34
C PRO B 67 8.10 -20.46 7.62
N GLN B 68 6.82 -20.79 7.48
CA GLN B 68 6.00 -21.07 8.66
C GLN B 68 6.40 -22.36 9.36
N TYR B 69 7.08 -23.25 8.66
CA TYR B 69 7.48 -24.49 9.29
C TYR B 69 8.75 -24.29 10.11
N LEU B 70 9.00 -23.05 10.51
CA LEU B 70 10.17 -22.71 11.30
C LEU B 70 9.87 -21.70 12.40
N ARG B 71 9.12 -20.67 12.07
CA ARG B 71 8.79 -19.61 13.01
C ARG B 71 8.62 -20.10 14.43
N ARG B 72 7.85 -21.17 14.58
CA ARG B 72 7.56 -21.75 15.89
C ARG B 72 8.83 -22.08 16.66
N LYS B 73 9.90 -22.43 15.95
CA LYS B 73 11.16 -22.81 16.59
C LYS B 73 12.22 -21.72 16.51
N VAL B 74 12.02 -20.74 15.62
CA VAL B 74 13.00 -19.66 15.46
C VAL B 74 12.66 -18.40 16.27
N PHE B 75 11.39 -18.29 16.68
CA PHE B 75 10.93 -17.13 17.43
C PHE B 75 10.38 -17.46 18.83
N PRO B 76 10.98 -16.89 19.89
CA PRO B 76 10.52 -17.14 21.26
C PRO B 76 9.21 -16.40 21.49
N ILE B 77 8.45 -16.83 22.49
CA ILE B 77 7.21 -16.13 22.77
C ILE B 77 7.63 -14.70 23.10
N MET B 78 7.28 -13.77 22.22
CA MET B 78 7.60 -12.38 22.42
C MET B 78 6.31 -11.57 22.45
N ARG B 79 6.02 -11.01 23.62
CA ARG B 79 4.81 -10.21 23.84
C ARG B 79 4.62 -9.19 22.71
N GLU B 80 5.71 -8.63 22.23
CA GLU B 80 5.68 -7.65 21.14
C GLU B 80 4.96 -8.22 19.92
N LEU B 81 5.19 -9.50 19.64
CA LEU B 81 4.57 -10.13 18.48
C LEU B 81 3.38 -11.05 18.73
N LYS B 82 2.50 -10.62 19.64
CA LYS B 82 1.30 -11.38 19.97
C LYS B 82 0.22 -11.35 18.87
N HIS B 83 0.32 -10.40 17.95
CA HIS B 83 -0.66 -10.29 16.88
C HIS B 83 -0.12 -10.76 15.55
N VAL B 84 0.88 -11.62 15.62
CA VAL B 84 1.48 -12.16 14.41
C VAL B 84 0.42 -12.95 13.64
N GLY B 85 -0.61 -13.38 14.36
CA GLY B 85 -1.68 -14.13 13.74
C GLY B 85 -2.42 -13.41 12.63
N ILE B 86 -2.50 -12.08 12.69
CA ILE B 86 -3.20 -11.36 11.64
C ILE B 86 -2.31 -10.83 10.53
N LEU B 87 -1.06 -11.27 10.48
CA LEU B 87 -0.19 -10.80 9.41
C LEU B 87 -0.65 -11.46 8.14
N PRO B 88 -0.73 -10.69 7.04
CA PRO B 88 -1.18 -11.27 5.77
C PRO B 88 -0.25 -12.32 5.23
N PRO B 89 -0.80 -13.38 4.66
CA PRO B 89 0.00 -14.48 4.09
C PRO B 89 0.99 -14.00 3.03
N LEU B 90 2.02 -14.80 2.82
CA LEU B 90 3.01 -14.47 1.83
C LEU B 90 3.32 -15.77 1.08
N ARG B 91 2.71 -15.90 -0.09
CA ARG B 91 2.92 -17.09 -0.89
C ARG B 91 4.05 -16.84 -1.85
N THR B 92 5.24 -17.22 -1.42
CA THR B 92 6.45 -17.05 -2.19
C THR B 92 7.13 -18.40 -2.41
N PRO B 93 7.96 -18.51 -3.45
CA PRO B 93 8.69 -19.75 -3.78
C PRO B 93 9.36 -20.43 -2.58
N HIS B 94 9.83 -19.63 -1.62
CA HIS B 94 10.49 -20.17 -0.44
C HIS B 94 9.54 -20.43 0.72
N HIS B 95 8.25 -20.32 0.44
CA HIS B 95 7.24 -20.60 1.46
C HIS B 95 6.38 -21.80 1.03
N PRO B 96 7.02 -22.94 0.71
CA PRO B 96 6.27 -24.13 0.30
C PRO B 96 5.52 -24.68 1.50
N THR B 97 4.31 -25.18 1.27
CA THR B 97 3.51 -25.72 2.34
C THR B 97 3.32 -27.22 2.11
N GLY B 98 3.49 -27.64 0.87
CA GLY B 98 3.34 -29.05 0.54
C GLY B 98 4.61 -29.84 0.83
N LYS B 99 4.45 -30.96 1.53
CA LYS B 99 5.54 -31.86 1.90
C LYS B 99 6.74 -31.88 0.92
N PRO B 100 7.97 -31.98 1.44
CA PRO B 100 9.20 -31.99 0.63
C PRO B 100 9.28 -33.04 -0.48
N VAL B 101 9.60 -32.56 -1.68
CA VAL B 101 9.72 -33.42 -2.85
C VAL B 101 11.09 -33.29 -3.50
N THR B 102 11.39 -34.20 -4.41
CA THR B 102 12.67 -34.26 -5.11
C THR B 102 12.97 -33.06 -6.01
N GLY B 103 14.18 -32.54 -5.91
CA GLY B 103 14.61 -31.41 -6.74
C GLY B 103 14.02 -30.03 -6.44
N GLU B 104 13.16 -29.97 -5.43
CA GLU B 104 12.51 -28.73 -5.02
C GLU B 104 13.42 -28.04 -3.99
N TYR B 105 13.38 -26.71 -3.92
CA TYR B 105 14.22 -25.97 -2.98
C TYR B 105 13.50 -25.63 -1.68
N ARG B 106 14.20 -25.72 -0.56
CA ARG B 106 13.60 -25.39 0.71
C ARG B 106 14.63 -24.78 1.62
N GLN B 107 14.24 -23.76 2.38
CA GLN B 107 15.17 -23.16 3.32
C GLN B 107 15.12 -24.06 4.56
N GLY B 108 16.27 -24.27 5.18
CA GLY B 108 16.28 -25.11 6.37
C GLY B 108 17.01 -24.58 7.59
N LEU B 109 16.49 -24.89 8.76
CA LEU B 109 17.13 -24.48 10.00
C LEU B 109 18.05 -25.59 10.44
N THR B 110 19.31 -25.25 10.70
CA THR B 110 20.28 -26.24 11.17
C THR B 110 20.02 -26.52 12.64
N VAL B 111 19.97 -27.81 13.01
CA VAL B 111 19.68 -28.20 14.38
C VAL B 111 20.84 -28.72 15.20
N LYS B 112 21.51 -29.75 14.68
CA LYS B 112 22.62 -30.36 15.39
C LYS B 112 23.66 -30.94 14.45
N ARG B 113 24.93 -30.83 14.83
CA ARG B 113 26.04 -31.37 14.04
C ARG B 113 26.07 -32.84 14.39
N VAL B 114 25.71 -33.70 13.44
CA VAL B 114 25.67 -35.12 13.71
C VAL B 114 26.89 -35.87 13.19
N LYS B 115 27.08 -37.05 13.76
CA LYS B 115 28.19 -37.94 13.43
C LYS B 115 28.50 -38.01 11.93
N LYS B 116 27.46 -38.18 11.12
CA LYS B 116 27.65 -38.25 9.67
C LYS B 116 27.83 -36.85 9.08
N GLY B 117 27.12 -35.88 9.64
CA GLY B 117 27.20 -34.50 9.18
C GLY B 117 26.35 -33.55 9.99
N THR B 118 25.20 -33.13 9.44
CA THR B 118 24.32 -32.21 10.15
C THR B 118 22.84 -32.41 9.78
N LEU B 119 21.98 -32.38 10.79
CA LEU B 119 20.55 -32.54 10.59
C LEU B 119 19.89 -31.17 10.48
N VAL B 120 19.23 -30.92 9.35
CA VAL B 120 18.55 -29.65 9.10
C VAL B 120 17.03 -29.85 9.12
N ASP B 121 16.29 -28.84 9.60
CA ASP B 121 14.83 -28.94 9.63
C ASP B 121 14.25 -28.38 8.35
N ILE B 122 13.85 -29.27 7.45
CA ILE B 122 13.29 -28.86 6.16
C ILE B 122 11.76 -28.76 6.26
N GLY B 123 11.07 -29.03 5.16
CA GLY B 123 9.63 -28.98 5.17
C GLY B 123 8.94 -29.71 6.31
N ALA B 124 8.47 -30.92 6.03
CA ALA B 124 7.74 -31.74 7.01
C ALA B 124 8.53 -32.32 8.17
N ASP B 125 9.07 -33.52 7.97
CA ASP B 125 9.82 -34.21 9.01
C ASP B 125 11.26 -33.74 9.14
N LYS B 126 12.09 -34.54 9.80
CA LYS B 126 13.48 -34.18 10.00
C LYS B 126 14.40 -34.93 9.03
N LEU B 127 15.35 -34.19 8.45
CA LEU B 127 16.31 -34.76 7.50
C LEU B 127 17.71 -34.24 7.77
N ALA B 128 18.63 -34.49 6.83
CA ALA B 128 20.01 -34.06 6.99
C ALA B 128 20.79 -33.87 5.70
N LEU B 129 21.87 -33.09 5.84
CA LEU B 129 22.80 -32.75 4.78
C LEU B 129 24.13 -33.37 5.21
N CYS B 130 25.10 -33.46 4.31
CA CYS B 130 26.39 -34.05 4.68
C CYS B 130 27.25 -33.09 5.51
N ARG B 131 27.60 -31.95 4.92
CA ARG B 131 28.44 -30.93 5.58
C ARG B 131 28.29 -30.87 7.10
N GLU B 132 29.44 -30.77 7.77
CA GLU B 132 29.50 -30.71 9.22
C GLU B 132 29.70 -29.28 9.72
N LYS B 133 30.68 -28.59 9.13
CA LYS B 133 31.01 -27.21 9.49
C LYS B 133 29.73 -26.38 9.66
N LEU B 134 28.67 -26.81 8.97
CA LEU B 134 27.38 -26.16 9.04
C LEU B 134 27.08 -25.72 10.44
N THR B 135 27.26 -24.43 10.72
CA THR B 135 26.99 -23.92 12.05
C THR B 135 25.54 -24.28 12.40
N VAL B 136 25.31 -24.64 13.65
CA VAL B 136 23.97 -25.01 14.10
C VAL B 136 23.16 -23.75 14.40
N ASN B 137 21.85 -23.94 14.48
CA ASN B 137 20.93 -22.85 14.79
C ASN B 137 21.05 -21.68 13.83
N ARG B 138 21.07 -22.00 12.53
CA ARG B 138 21.15 -20.98 11.49
C ARG B 138 20.38 -21.42 10.25
N ILE B 139 19.67 -20.49 9.63
CA ILE B 139 18.89 -20.79 8.44
C ILE B 139 19.67 -20.62 7.14
N MET B 140 19.55 -21.61 6.26
CA MET B 140 20.18 -21.54 4.95
C MET B 140 19.37 -22.36 3.95
N SER B 141 19.69 -22.24 2.67
CA SER B 141 18.93 -22.96 1.68
C SER B 141 19.57 -24.26 1.24
N PHE B 142 18.71 -25.19 0.80
CA PHE B 142 19.16 -26.47 0.30
C PHE B 142 18.16 -26.87 -0.76
N ARG B 143 18.48 -27.93 -1.51
CA ARG B 143 17.61 -28.45 -2.54
C ARG B 143 17.52 -29.96 -2.35
N VAL B 144 16.31 -30.44 -2.11
CA VAL B 144 16.06 -31.86 -1.92
C VAL B 144 16.60 -32.68 -3.08
N VAL B 145 17.46 -33.65 -2.76
CA VAL B 145 18.04 -34.52 -3.78
C VAL B 145 17.37 -35.89 -3.75
N ARG B 146 17.16 -36.44 -2.55
CA ARG B 146 16.51 -37.73 -2.40
C ARG B 146 15.61 -37.84 -1.16
N LEU B 147 14.37 -38.28 -1.40
CA LEU B 147 13.37 -38.42 -0.35
C LEU B 147 13.51 -39.70 0.47
N GLY B 148 12.43 -40.10 1.15
CA GLY B 148 12.45 -41.30 1.96
C GLY B 148 12.38 -41.06 3.45
N LYS B 149 13.18 -41.81 4.22
CA LYS B 149 13.22 -41.68 5.67
C LYS B 149 14.30 -40.67 6.04
N GLU B 150 15.49 -40.89 5.48
CA GLU B 150 16.62 -39.99 5.70
C GLU B 150 16.79 -39.19 4.43
N ILE B 151 15.89 -38.24 4.21
CA ILE B 151 15.96 -37.40 3.02
C ILE B 151 17.24 -36.60 3.05
N LEU B 152 17.91 -36.55 1.91
CA LEU B 152 19.16 -35.83 1.85
C LEU B 152 19.06 -34.56 1.01
N ILE B 153 19.67 -33.49 1.51
CA ILE B 153 19.63 -32.21 0.82
C ILE B 153 21.02 -31.59 0.76
N GLU B 154 21.30 -30.90 -0.34
CA GLU B 154 22.59 -30.23 -0.49
C GLU B 154 22.38 -28.71 -0.45
N PRO B 155 23.25 -27.98 0.27
CA PRO B 155 23.10 -26.52 0.33
C PRO B 155 23.11 -25.89 -1.07
N ASP B 156 22.07 -25.11 -1.35
CA ASP B 156 21.91 -24.43 -2.64
C ASP B 156 20.57 -23.69 -2.66
N GLU B 157 20.63 -22.41 -3.05
CA GLU B 157 19.42 -21.60 -3.17
C GLU B 157 19.29 -21.22 -4.64
N PRO B 158 18.09 -21.34 -5.21
CA PRO B 158 17.88 -21.00 -6.62
C PRO B 158 18.16 -19.53 -6.96
N GLU B 159 18.28 -19.25 -8.26
CA GLU B 159 18.53 -17.91 -8.77
C GLU B 159 17.67 -17.70 -10.02
N ASP B 160 16.67 -18.56 -10.15
CA ASP B 160 15.73 -18.52 -11.26
C ASP B 160 14.36 -18.02 -10.80
N ARG B 161 14.14 -18.11 -9.47
CA ARG B 161 12.89 -17.70 -8.84
C ARG B 161 13.16 -16.76 -7.67
N TYR B 162 12.14 -16.02 -7.22
CA TYR B 162 12.34 -15.13 -6.09
C TYR B 162 12.56 -16.02 -4.86
N TRP B 163 13.43 -15.58 -3.96
CA TRP B 163 13.72 -16.38 -2.77
C TRP B 163 13.68 -15.56 -1.49
N GLY B 164 12.73 -14.62 -1.40
CA GLY B 164 12.62 -13.81 -0.21
C GLY B 164 13.68 -12.73 -0.06
N TYR B 165 13.75 -12.14 1.13
CA TYR B 165 14.70 -11.06 1.35
C TYR B 165 15.43 -11.23 2.67
N GLU B 166 16.51 -10.49 2.83
CA GLU B 166 17.20 -10.55 4.10
C GLU B 166 16.99 -9.20 4.77
N VAL B 167 16.84 -9.21 6.08
CA VAL B 167 16.62 -8.00 6.85
C VAL B 167 17.94 -7.54 7.46
N LEU B 168 18.31 -6.31 7.18
CA LEU B 168 19.54 -5.74 7.71
C LEU B 168 19.27 -4.65 8.75
N ASP B 169 19.52 -4.95 10.01
CA ASP B 169 19.27 -3.99 11.06
C ASP B 169 20.52 -3.17 11.42
N THR B 170 21.04 -2.41 10.47
CA THR B 170 22.22 -1.57 10.73
C THR B 170 21.77 -0.67 11.86
N ARG B 171 22.42 -0.69 13.00
CA ARG B 171 21.92 0.22 14.00
C ARG B 171 22.51 1.61 13.77
N ARG B 172 23.00 1.85 12.55
CA ARG B 172 23.59 3.13 12.16
C ARG B 172 22.58 3.97 11.39
N ASN B 173 22.91 5.23 11.14
CA ASN B 173 21.98 6.08 10.41
C ASN B 173 22.06 5.91 8.89
N LEU B 174 21.27 6.73 8.19
CA LEU B 174 21.18 6.74 6.73
C LEU B 174 22.58 6.62 6.08
N ALA B 175 23.36 7.68 6.21
CA ALA B 175 24.71 7.74 5.63
C ALA B 175 25.57 6.55 6.07
N GLU B 176 25.73 6.37 7.38
CA GLU B 176 26.53 5.25 7.87
C GLU B 176 25.96 3.90 7.41
N SER B 177 24.66 3.84 7.10
CA SER B 177 24.05 2.59 6.65
C SER B 177 24.32 2.31 5.18
N LEU B 178 24.54 3.36 4.40
CA LEU B 178 24.85 3.18 2.98
C LEU B 178 26.24 2.58 2.87
N LYS B 179 27.13 2.98 3.77
CA LYS B 179 28.51 2.48 3.79
C LYS B 179 28.56 0.99 4.15
N THR B 180 27.76 0.60 5.14
CA THR B 180 27.67 -0.79 5.59
C THR B 180 27.25 -1.72 4.45
N VAL B 181 26.29 -1.29 3.65
CA VAL B 181 25.83 -2.13 2.56
C VAL B 181 25.83 -1.35 1.24
N GLY B 182 26.73 -1.73 0.35
CA GLY B 182 26.86 -1.03 -0.90
C GLY B 182 26.09 -1.58 -2.08
N ALA B 183 25.78 -0.69 -3.00
CA ALA B 183 25.06 -1.00 -4.22
C ALA B 183 25.73 -0.03 -5.18
N ASP B 184 25.72 -0.34 -6.47
CA ASP B 184 26.35 0.59 -7.39
C ASP B 184 25.42 1.74 -7.74
N VAL B 185 24.17 1.67 -7.30
CA VAL B 185 23.23 2.76 -7.60
C VAL B 185 22.31 3.08 -6.43
N VAL B 186 22.39 4.32 -5.97
CA VAL B 186 21.58 4.80 -4.88
C VAL B 186 20.50 5.74 -5.41
N VAL B 187 19.23 5.39 -5.18
CA VAL B 187 18.10 6.22 -5.60
C VAL B 187 17.45 6.77 -4.31
N ALA B 188 17.39 8.10 -4.20
CA ALA B 188 16.80 8.77 -3.04
C ALA B 188 15.46 9.36 -3.45
N THR B 189 14.41 9.05 -2.69
CA THR B 189 13.07 9.57 -3.01
C THR B 189 12.71 10.76 -2.16
N SER B 190 11.99 11.71 -2.75
CA SER B 190 11.61 12.93 -2.03
C SER B 190 10.62 13.78 -2.81
N ARG B 191 9.72 14.43 -2.09
CA ARG B 191 8.72 15.29 -2.73
C ARG B 191 9.42 16.51 -3.30
N ASN B 192 10.52 16.91 -2.67
CA ASN B 192 11.31 18.07 -3.07
C ASN B 192 12.10 17.85 -4.34
N ALA B 193 12.42 16.59 -4.62
CA ALA B 193 13.19 16.25 -5.81
C ALA B 193 12.44 16.40 -7.12
N SER B 194 13.16 16.26 -8.21
CA SER B 194 12.60 16.34 -9.53
C SER B 194 11.70 15.13 -9.73
N PRO B 195 10.52 15.31 -10.35
CA PRO B 195 9.57 14.23 -10.60
C PRO B 195 10.08 13.16 -11.58
N ILE B 196 9.88 11.90 -11.22
CA ILE B 196 10.30 10.77 -12.03
C ILE B 196 9.93 11.07 -13.47
N THR B 197 8.75 11.66 -13.65
CA THR B 197 8.23 11.99 -14.98
C THR B 197 9.09 12.95 -15.81
N SER B 198 10.12 13.52 -15.18
CA SER B 198 11.00 14.45 -15.89
C SER B 198 12.28 13.73 -16.29
N ILE B 199 13.02 13.28 -15.29
CA ILE B 199 14.27 12.56 -15.50
C ILE B 199 14.02 11.09 -15.78
N LEU B 200 12.85 10.79 -16.32
CA LEU B 200 12.46 9.41 -16.57
C LEU B 200 13.44 8.57 -17.36
N ASP B 201 13.76 8.99 -18.58
CA ASP B 201 14.68 8.18 -19.37
C ASP B 201 15.98 8.00 -18.61
N GLU B 202 16.45 9.07 -17.99
CA GLU B 202 17.69 9.00 -17.24
C GLU B 202 17.61 7.88 -16.19
N VAL B 203 16.61 7.96 -15.32
CA VAL B 203 16.40 6.97 -14.27
C VAL B 203 16.38 5.57 -14.87
N LYS B 204 15.60 5.40 -15.94
CA LYS B 204 15.47 4.10 -16.61
C LYS B 204 16.82 3.54 -17.04
N THR B 205 17.63 4.40 -17.64
CA THR B 205 18.97 4.03 -18.10
C THR B 205 19.90 3.62 -16.95
N ARG B 206 19.84 4.35 -15.85
CA ARG B 206 20.67 4.04 -14.69
C ARG B 206 20.17 2.75 -14.04
N MET B 207 18.85 2.60 -13.96
CA MET B 207 18.19 1.44 -13.37
C MET B 207 18.39 0.12 -14.12
N ARG B 208 18.35 0.17 -15.44
CA ARG B 208 18.56 -1.03 -16.24
C ARG B 208 20.06 -1.40 -16.23
N GLY B 209 20.92 -0.38 -16.27
CA GLY B 209 22.34 -0.64 -16.22
C GLY B 209 22.63 -0.91 -14.75
N ALA B 210 21.77 -1.69 -14.12
CA ALA B 210 21.93 -1.99 -12.72
C ALA B 210 22.62 -3.29 -12.44
N ARG B 211 23.08 -3.38 -11.20
CA ARG B 211 23.80 -4.51 -10.65
C ARG B 211 23.00 -4.75 -9.36
N GLU B 212 23.01 -3.74 -8.51
CA GLU B 212 22.28 -3.73 -7.24
C GLU B 212 21.91 -2.27 -6.96
N ALA B 213 20.64 -2.01 -6.74
CA ALA B 213 20.20 -0.65 -6.46
C ALA B 213 19.63 -0.56 -5.07
N ALA B 214 19.79 0.61 -4.47
CA ALA B 214 19.30 0.89 -3.14
C ALA B 214 18.30 2.03 -3.22
N ILE B 215 17.05 1.78 -2.83
CA ILE B 215 16.03 2.83 -2.85
C ILE B 215 15.84 3.30 -1.43
N LEU B 216 16.03 4.59 -1.23
CA LEU B 216 15.94 5.19 0.08
C LEU B 216 14.56 5.80 0.32
N PHE B 217 13.99 5.48 1.46
CA PHE B 217 12.67 5.99 1.88
C PHE B 217 12.86 6.71 3.20
N GLY B 218 12.37 7.94 3.30
CA GLY B 218 12.49 8.67 4.55
C GLY B 218 11.15 8.59 5.22
N GLY B 219 10.86 9.51 6.12
CA GLY B 219 9.55 9.48 6.74
C GLY B 219 8.65 10.44 5.98
N PRO B 220 7.41 10.61 6.42
CA PRO B 220 6.59 11.57 5.65
C PRO B 220 6.70 12.93 6.30
N TYR B 221 7.02 12.91 7.59
CA TYR B 221 7.13 14.12 8.38
C TYR B 221 8.46 14.86 8.25
N LYS B 222 9.51 14.18 7.77
CA LYS B 222 10.80 14.84 7.65
C LYS B 222 11.37 14.70 6.24
N GLY B 223 11.42 13.47 5.77
CA GLY B 223 11.96 13.21 4.45
C GLY B 223 13.30 12.51 4.59
N LEU B 224 14.30 13.04 3.90
CA LEU B 224 15.64 12.43 3.93
C LEU B 224 16.75 13.44 4.14
N PRO B 225 17.78 13.05 4.90
CA PRO B 225 18.94 13.91 5.17
C PRO B 225 19.70 14.06 3.86
N GLU B 226 20.64 15.00 3.83
CA GLU B 226 21.42 15.24 2.63
C GLU B 226 22.54 14.23 2.42
N ILE B 227 22.13 13.00 2.11
CA ILE B 227 23.08 11.95 1.84
C ILE B 227 23.41 12.06 0.36
N ASP B 228 24.49 11.40 -0.06
CA ASP B 228 24.85 11.45 -1.47
C ASP B 228 24.24 10.26 -2.17
N ALA B 229 23.42 10.53 -3.17
CA ALA B 229 22.79 9.47 -3.92
C ALA B 229 23.16 9.69 -5.37
N ASP B 230 22.91 8.70 -6.21
CA ASP B 230 23.21 8.81 -7.63
C ASP B 230 22.01 9.45 -8.31
N ILE B 231 20.84 9.35 -7.70
CA ILE B 231 19.61 9.91 -8.26
C ILE B 231 18.68 10.38 -7.14
N TRP B 232 18.15 11.59 -7.31
CA TRP B 232 17.18 12.14 -6.35
C TRP B 232 15.89 12.21 -7.15
N VAL B 233 14.80 11.70 -6.59
CA VAL B 233 13.54 11.70 -7.35
C VAL B 233 12.23 11.59 -6.53
N ASN B 234 11.18 12.22 -7.06
CA ASN B 234 9.84 12.17 -6.46
C ASN B 234 9.11 11.15 -7.35
N THR B 235 8.90 9.93 -6.86
CA THR B 235 8.22 8.92 -7.66
C THR B 235 6.71 9.07 -7.62
N LEU B 236 6.22 10.01 -6.82
CA LEU B 236 4.79 10.27 -6.65
C LEU B 236 4.46 11.76 -6.89
N PRO B 237 4.61 12.22 -8.13
CA PRO B 237 4.32 13.62 -8.47
C PRO B 237 2.89 14.00 -8.17
N GLY B 238 2.72 15.16 -7.55
CA GLY B 238 1.41 15.70 -7.26
C GLY B 238 0.50 14.96 -6.30
N GLN B 239 1.00 14.65 -5.12
CA GLN B 239 0.18 13.98 -4.13
C GLN B 239 -0.84 15.01 -3.65
N CYS B 240 -2.03 14.55 -3.32
CA CYS B 240 -3.08 15.43 -2.87
C CYS B 240 -3.24 15.39 -1.36
N THR B 241 -2.39 14.61 -0.69
CA THR B 241 -2.43 14.48 0.74
C THR B 241 -1.16 15.14 1.28
N GLU B 242 -1.19 15.63 2.51
CA GLU B 242 0.01 16.28 3.03
C GLU B 242 1.14 15.27 3.22
N THR B 243 0.79 14.05 3.63
CA THR B 243 1.80 13.03 3.85
C THR B 243 1.49 11.77 3.07
N VAL B 244 2.49 10.92 2.93
CA VAL B 244 2.40 9.62 2.26
C VAL B 244 3.20 8.78 3.25
N ARG B 245 2.57 7.77 3.84
CA ARG B 245 3.27 6.93 4.81
C ARG B 245 4.37 6.12 4.15
N THR B 246 5.38 5.74 4.90
CA THR B 246 6.51 4.97 4.38
C THR B 246 6.03 3.69 3.67
N GLU B 247 5.13 2.96 4.33
CA GLU B 247 4.57 1.71 3.80
C GLU B 247 3.90 1.99 2.47
N GLU B 248 3.25 3.15 2.34
CA GLU B 248 2.59 3.52 1.08
C GLU B 248 3.65 3.86 0.04
N ALA B 249 4.62 4.65 0.45
CA ALA B 249 5.69 5.09 -0.42
C ALA B 249 6.47 3.89 -0.96
N VAL B 250 6.71 2.91 -0.11
CA VAL B 250 7.47 1.73 -0.51
C VAL B 250 6.77 1.01 -1.63
N LEU B 251 5.48 0.73 -1.47
CA LEU B 251 4.74 0.03 -2.51
C LEU B 251 4.58 0.86 -3.78
N ALA B 252 4.17 2.11 -3.62
CA ALA B 252 3.95 2.96 -4.78
C ALA B 252 5.22 3.12 -5.63
N THR B 253 6.35 3.28 -4.94
CA THR B 253 7.64 3.48 -5.59
C THR B 253 8.14 2.25 -6.28
N LEU B 254 8.02 1.14 -5.59
CA LEU B 254 8.42 -0.12 -6.14
C LEU B 254 7.66 -0.41 -7.43
N SER B 255 6.37 -0.11 -7.49
CA SER B 255 5.66 -0.42 -8.73
C SER B 255 6.01 0.56 -9.86
N VAL B 256 6.46 1.75 -9.51
CA VAL B 256 6.85 2.71 -10.55
C VAL B 256 8.15 2.20 -11.16
N PHE B 257 9.11 1.84 -10.30
CA PHE B 257 10.39 1.32 -10.79
C PHE B 257 10.20 -0.01 -11.47
N ASN B 258 9.26 -0.81 -10.98
CA ASN B 258 8.98 -2.11 -11.53
C ASN B 258 8.58 -1.98 -12.99
N MET B 259 8.03 -0.81 -13.32
CA MET B 259 7.58 -0.56 -14.67
C MET B 259 8.71 -0.12 -15.56
N LEU B 260 9.76 0.37 -14.93
CA LEU B 260 10.90 0.86 -15.68
C LEU B 260 11.94 -0.21 -15.97
N THR B 261 12.24 -1.04 -14.98
CA THR B 261 13.27 -2.04 -15.16
C THR B 261 12.79 -3.36 -15.76
N GLN B 262 11.75 -3.32 -16.58
CA GLN B 262 11.29 -4.55 -17.18
C GLN B 262 12.24 -4.84 -18.33
N ILE B 263 12.04 -5.95 -19.03
CA ILE B 263 12.92 -6.33 -20.14
C ILE B 263 12.16 -6.99 -21.30
N ASP B 264 12.62 -6.75 -22.52
CA ASP B 264 12.02 -7.29 -23.75
C ASP B 264 11.70 -8.78 -23.69
#